data_6AJO
#
_entry.id   6AJO
#
_cell.length_a   36.829
_cell.length_b   64.450
_cell.length_c   82.900
_cell.angle_alpha   90.00
_cell.angle_beta   90.00
_cell.angle_gamma   90.00
#
_symmetry.space_group_name_H-M   'P 21 21 21'
#
loop_
_entity.id
_entity.type
_entity.pdbx_description
1 polymer 'Uracil DNA glycosylase superfamily protein'
2 polymer "DNA (5'-D(P*(ORP)P*TP*T)-3')"
3 non-polymer 'IRON/SULFUR CLUSTER'
4 non-polymer 'PHOSPHATE ION'
5 non-polymer URACIL
6 water water
#
loop_
_entity_poly.entity_id
_entity_poly.type
_entity_poly.pdbx_seq_one_letter_code
_entity_poly.pdbx_strand_id
1 'polypeptide(L)'
;MAGAQDFVPHTADLAELAAAAGECRGCGLYRDATQAVFGAGGRSARIMMIGEQPGDKEDLAGLPFVGPAGRLLDRALEAA
DIDRDALYVTNAVKHFKFTRAAGGKRRIHKTPSRTEVVACRPWLIAEMTSVEPDVVVLLGATAAKALLGNDFRVTQHRGE
VLHVDDVPGDPALVATVHPSSLLRGPKEERESAFAGLVDDLRVAADVRP
;
A
2 'polydeoxyribonucleotide' (DT)(DT)(ORP)(DT)(DT) F
#
# COMPACT_ATOMS: atom_id res chain seq x y z
N ALA A 2 -20.82 6.07 3.78
CA ALA A 2 -21.30 5.24 2.62
C ALA A 2 -20.21 5.00 1.56
N GLY A 3 -18.93 5.14 1.97
CA GLY A 3 -17.78 4.92 1.07
C GLY A 3 -17.07 6.20 0.64
N ALA A 4 -15.83 6.08 0.22
CA ALA A 4 -15.12 7.19 -0.35
C ALA A 4 -15.70 7.68 -1.70
N GLN A 5 -16.61 6.92 -2.32
CA GLN A 5 -17.01 7.10 -3.73
C GLN A 5 -17.52 8.52 -4.05
N ASP A 6 -18.44 9.00 -3.23
CA ASP A 6 -18.96 10.38 -3.32
C ASP A 6 -17.93 11.48 -3.11
N PHE A 7 -16.78 11.15 -2.55
CA PHE A 7 -15.69 12.10 -2.32
C PHE A 7 -14.62 11.97 -3.41
N VAL A 8 -14.76 11.03 -4.35
CA VAL A 8 -13.73 10.86 -5.39
C VAL A 8 -14.06 11.67 -6.66
N PRO A 9 -13.23 12.65 -7.00
CA PRO A 9 -13.37 13.30 -8.29
C PRO A 9 -12.94 12.39 -9.46
N HIS A 10 -13.57 12.58 -10.62
CA HIS A 10 -13.29 11.81 -11.83
C HIS A 10 -12.15 12.53 -12.57
N THR A 11 -10.94 12.25 -12.13
CA THR A 11 -9.74 12.86 -12.69
C THR A 11 -8.55 11.93 -12.57
N ALA A 12 -7.66 11.99 -13.55
CA ALA A 12 -6.39 11.28 -13.47
C ALA A 12 -5.27 12.11 -12.82
N ASP A 13 -5.53 13.38 -12.48
CA ASP A 13 -4.51 14.16 -11.77
C ASP A 13 -4.34 13.73 -10.31
N LEU A 14 -3.11 13.34 -9.98
CA LEU A 14 -2.75 12.78 -8.67
C LEU A 14 -2.83 13.79 -7.55
N ALA A 15 -2.37 15.01 -7.83
CA ALA A 15 -2.54 16.14 -6.90
C ALA A 15 -4.02 16.52 -6.60
N GLU A 16 -4.92 16.47 -7.58
CA GLU A 16 -6.36 16.73 -7.33
C GLU A 16 -6.96 15.60 -6.50
N LEU A 17 -6.50 14.38 -6.73
CA LEU A 17 -6.96 13.21 -5.98
C LEU A 17 -6.56 13.34 -4.53
N ALA A 18 -5.27 13.63 -4.30
CA ALA A 18 -4.79 13.77 -2.94
C ALA A 18 -5.52 14.88 -2.20
N ALA A 19 -5.69 16.02 -2.85
CA ALA A 19 -6.34 17.18 -2.20
C ALA A 19 -7.79 16.87 -1.76
N ALA A 20 -8.55 16.26 -2.67
CA ALA A 20 -9.89 15.74 -2.41
C ALA A 20 -9.92 14.61 -1.36
N ALA A 21 -8.90 13.76 -1.33
CA ALA A 21 -8.81 12.74 -0.25
C ALA A 21 -8.74 13.40 1.12
N GLY A 22 -8.08 14.56 1.16
CA GLY A 22 -8.06 15.43 2.34
C GLY A 22 -9.43 15.80 2.90
N GLU A 23 -10.50 15.69 2.13
CA GLU A 23 -11.84 16.08 2.57
C GLU A 23 -12.76 14.90 2.73
N CYS A 24 -12.20 13.70 2.68
CA CYS A 24 -13.00 12.48 2.69
C CYS A 24 -13.57 12.25 4.06
N ARG A 25 -14.83 11.86 4.09
CA ARG A 25 -15.49 11.43 5.29
C ARG A 25 -16.10 10.05 4.98
N GLY A 26 -15.34 9.24 4.19
CA GLY A 26 -15.80 7.95 3.73
C GLY A 26 -16.09 6.94 4.81
N CYS A 27 -15.24 6.93 5.85
CA CYS A 27 -15.45 6.13 7.02
C CYS A 27 -15.11 7.01 8.20
N GLY A 28 -15.12 6.46 9.40
CA GLY A 28 -14.77 7.23 10.58
C GLY A 28 -13.29 7.51 10.78
N LEU A 29 -12.40 6.97 9.92
CA LEU A 29 -10.98 7.12 10.22
C LEU A 29 -10.46 8.51 10.14
N TYR A 30 -11.04 9.36 9.30
CA TYR A 30 -10.65 10.78 9.20
C TYR A 30 -10.80 11.57 10.54
N ARG A 31 -11.56 11.06 11.51
CA ARG A 31 -11.85 11.82 12.75
C ARG A 31 -10.57 11.95 13.60
N ASP A 32 -9.92 10.85 13.95
CA ASP A 32 -8.77 10.89 14.84
C ASP A 32 -7.40 11.09 14.18
N ALA A 33 -7.27 10.78 12.89
CA ALA A 33 -6.01 11.06 12.20
C ALA A 33 -5.86 12.55 12.00
N THR A 34 -4.63 12.93 11.70
CA THR A 34 -4.23 14.31 11.50
C THR A 34 -4.67 14.76 10.12
N GLN A 35 -4.31 13.96 9.10
CA GLN A 35 -4.53 14.26 7.69
C GLN A 35 -4.59 12.92 6.90
N ALA A 36 -5.07 12.98 5.66
CA ALA A 36 -4.99 11.83 4.81
C ALA A 36 -3.57 11.75 4.25
N VAL A 37 -3.11 10.53 4.06
CA VAL A 37 -1.78 10.30 3.50
C VAL A 37 -2.05 9.58 2.23
N PHE A 38 -1.98 10.35 1.16
CA PHE A 38 -2.17 9.82 -0.15
C PHE A 38 -0.82 9.34 -0.60
N GLY A 39 -0.80 8.59 -1.67
CA GLY A 39 0.45 8.12 -2.20
C GLY A 39 1.41 9.16 -2.73
N ALA A 40 2.61 8.69 -3.07
CA ALA A 40 3.70 9.51 -3.55
C ALA A 40 4.40 8.82 -4.72
N GLY A 41 4.80 9.63 -5.70
CA GLY A 41 5.31 9.17 -6.98
C GLY A 41 4.52 9.86 -8.04
N GLY A 42 4.88 9.66 -9.29
CA GLY A 42 4.16 10.27 -10.37
C GLY A 42 3.55 9.20 -11.24
N ARG A 43 2.75 9.65 -12.20
CA ARG A 43 1.99 8.77 -13.06
C ARG A 43 2.87 7.94 -13.99
N SER A 44 4.10 8.38 -14.15
CA SER A 44 5.04 7.74 -15.02
C SER A 44 5.53 6.40 -14.47
N ALA A 45 5.30 6.12 -13.19
CA ALA A 45 5.78 4.89 -12.59
C ALA A 45 5.12 3.61 -13.12
N ARG A 46 5.97 2.62 -13.25
CA ARG A 46 5.67 1.35 -13.85
C ARG A 46 5.16 0.38 -12.79
N ILE A 47 5.68 0.54 -11.58
CA ILE A 47 5.41 -0.34 -10.46
C ILE A 47 4.67 0.45 -9.39
N MET A 48 3.49 -0.03 -9.00
CA MET A 48 2.79 0.52 -7.85
C MET A 48 2.99 -0.44 -6.66
N MET A 49 3.18 0.14 -5.47
CA MET A 49 3.38 -0.62 -4.23
C MET A 49 2.32 -0.17 -3.24
N ILE A 50 1.56 -1.09 -2.67
CA ILE A 50 0.45 -0.74 -1.77
C ILE A 50 0.67 -1.36 -0.38
N GLY A 51 0.81 -0.54 0.66
CA GLY A 51 0.87 -1.05 2.05
C GLY A 51 -0.50 -1.04 2.70
N GLU A 52 -0.52 -0.98 4.02
CA GLU A 52 -1.76 -1.13 4.80
C GLU A 52 -2.38 0.21 5.13
N GLN A 53 -1.62 1.03 5.82
CA GLN A 53 -2.10 2.32 6.26
C GLN A 53 -0.90 3.13 6.71
N PRO A 54 -1.04 4.46 6.73
CA PRO A 54 0.01 5.28 7.30
C PRO A 54 0.14 4.95 8.76
N GLY A 55 1.36 4.98 9.27
CA GLY A 55 1.59 4.77 10.71
C GLY A 55 1.69 6.09 11.44
N ASP A 56 2.22 6.05 12.64
CA ASP A 56 2.43 7.23 13.48
C ASP A 56 3.23 8.33 12.76
N LYS A 57 4.41 8.01 12.26
CA LYS A 57 5.25 8.99 11.56
C LYS A 57 4.57 9.56 10.29
N GLU A 58 4.00 8.69 9.45
CA GLU A 58 3.41 9.08 8.17
C GLU A 58 2.27 10.04 8.43
N ASP A 59 1.43 9.72 9.40
CA ASP A 59 0.27 10.55 9.70
C ASP A 59 0.70 12.01 9.89
N LEU A 60 1.91 12.20 10.42
CA LEU A 60 2.44 13.55 10.68
C LEU A 60 3.35 14.07 9.58
N ALA A 61 4.02 13.19 8.85
CA ALA A 61 4.89 13.64 7.77
C ALA A 61 4.11 13.88 6.52
N GLY A 62 2.89 13.33 6.43
CA GLY A 62 2.10 13.41 5.20
C GLY A 62 2.62 12.61 4.00
N LEU A 63 3.43 11.59 4.24
CA LEU A 63 3.98 10.79 3.17
C LEU A 63 3.97 9.36 3.62
N PRO A 64 3.77 8.41 2.70
CA PRO A 64 3.73 7.01 3.07
C PRO A 64 5.13 6.43 3.20
N PHE A 65 5.25 5.44 4.08
CA PHE A 65 6.49 4.70 4.27
C PHE A 65 7.71 5.58 4.54
N VAL A 66 7.65 6.26 5.67
CA VAL A 66 8.73 7.14 6.18
C VAL A 66 9.25 6.69 7.53
N GLY A 67 8.46 5.92 8.27
CA GLY A 67 8.87 5.38 9.57
C GLY A 67 9.84 4.20 9.42
N PRO A 68 9.95 3.35 10.46
CA PRO A 68 10.83 2.17 10.47
C PRO A 68 10.47 1.16 9.40
N ALA A 69 9.18 0.86 9.26
CA ALA A 69 8.72 -0.01 8.15
C ALA A 69 9.21 0.51 6.79
N GLY A 70 9.07 1.81 6.54
CA GLY A 70 9.54 2.43 5.30
C GLY A 70 11.05 2.38 5.10
N ARG A 71 11.80 2.54 6.19
CA ARG A 71 13.26 2.45 6.14
C ARG A 71 13.71 1.05 5.77
N LEU A 72 13.07 0.04 6.37
CA LEU A 72 13.35 -1.37 6.02
C LEU A 72 12.96 -1.66 4.57
N LEU A 73 11.82 -1.13 4.16
CA LEU A 73 11.35 -1.24 2.78
C LEU A 73 12.34 -0.63 1.80
N ASP A 74 12.89 0.52 2.15
CA ASP A 74 13.93 1.14 1.33
C ASP A 74 15.18 0.30 1.26
N ARG A 75 15.55 -0.35 2.35
CA ARG A 75 16.74 -1.24 2.33
C ARG A 75 16.50 -2.43 1.40
N ALA A 76 15.26 -2.93 1.40
CA ALA A 76 14.90 -4.04 0.53
C ALA A 76 14.81 -3.61 -0.94
N LEU A 77 14.32 -2.39 -1.18
CA LEU A 77 14.38 -1.85 -2.54
C LEU A 77 15.84 -1.71 -3.02
N GLU A 78 16.73 -1.07 -2.23
CA GLU A 78 18.16 -0.97 -2.60
C GLU A 78 18.71 -2.36 -2.96
N ALA A 79 18.35 -3.39 -2.19
CA ALA A 79 18.87 -4.74 -2.43
C ALA A 79 18.23 -5.42 -3.61
N ALA A 80 17.05 -4.94 -4.03
CA ALA A 80 16.40 -5.52 -5.18
C ALA A 80 16.77 -4.75 -6.46
N ASP A 81 17.69 -3.80 -6.33
CA ASP A 81 18.11 -2.90 -7.42
C ASP A 81 16.96 -2.10 -8.06
N ILE A 82 15.94 -1.80 -7.26
CA ILE A 82 14.83 -0.94 -7.67
C ILE A 82 15.00 0.43 -7.04
N ASP A 83 14.76 1.50 -7.77
CA ASP A 83 14.77 2.84 -7.17
C ASP A 83 13.35 3.24 -6.78
N ARG A 84 13.21 3.77 -5.56
CA ARG A 84 11.90 4.23 -5.04
C ARG A 84 11.30 5.40 -5.82
N ASP A 85 12.13 6.28 -6.38
CA ASP A 85 11.61 7.45 -7.10
C ASP A 85 10.99 7.08 -8.41
N ALA A 86 11.32 5.89 -8.92
CA ALA A 86 10.66 5.31 -10.07
C ALA A 86 9.29 4.63 -9.74
N LEU A 87 8.90 4.58 -8.46
CA LEU A 87 7.68 3.88 -8.04
C LEU A 87 6.59 4.83 -7.65
N TYR A 88 5.40 4.27 -7.51
CA TYR A 88 4.29 4.95 -6.92
C TYR A 88 3.92 4.16 -5.70
N VAL A 89 3.90 4.81 -4.52
CA VAL A 89 3.75 4.12 -3.25
C VAL A 89 2.51 4.59 -2.53
N THR A 90 1.76 3.69 -1.93
CA THR A 90 0.48 4.07 -1.35
C THR A 90 -0.01 2.99 -0.39
N ASN A 91 -1.25 3.14 0.11
CA ASN A 91 -1.78 2.32 1.19
C ASN A 91 -3.25 2.04 0.95
N ALA A 92 -3.73 0.93 1.48
CA ALA A 92 -5.09 0.49 1.26
C ALA A 92 -6.03 1.49 1.90
N VAL A 93 -5.63 1.98 3.06
CA VAL A 93 -6.43 2.93 3.80
C VAL A 93 -5.62 4.22 3.94
N LYS A 94 -6.30 5.37 3.91
CA LYS A 94 -5.61 6.66 3.78
C LYS A 94 -5.46 7.39 5.12
N HIS A 95 -6.25 7.04 6.12
CA HIS A 95 -6.12 7.63 7.43
C HIS A 95 -5.58 6.58 8.39
N PHE A 96 -4.70 7.02 9.28
CA PHE A 96 -4.08 6.22 10.36
C PHE A 96 -5.12 5.86 11.43
N LYS A 97 -5.26 4.59 11.70
CA LYS A 97 -6.20 4.07 12.68
C LYS A 97 -5.41 3.62 13.90
N PHE A 98 -5.89 4.00 15.08
CA PHE A 98 -5.13 3.76 16.30
C PHE A 98 -5.91 3.85 17.60
N THR A 99 -5.37 3.18 18.63
CA THR A 99 -5.76 3.38 20.03
C THR A 99 -4.63 3.91 20.93
N ARG A 100 -5.00 4.26 22.17
CA ARG A 100 -4.06 4.76 23.16
C ARG A 100 -3.68 3.65 24.13
N ARG A 106 2.18 7.37 23.48
CA ARG A 106 2.39 6.66 22.22
C ARG A 106 1.05 6.37 21.54
N ARG A 107 0.98 6.57 20.23
CA ARG A 107 -0.22 6.27 19.43
C ARG A 107 -0.08 4.89 18.81
N ILE A 108 -1.00 4.00 19.18
CA ILE A 108 -0.86 2.59 18.84
C ILE A 108 -1.72 2.21 17.65
N HIS A 109 -1.12 1.41 16.81
CA HIS A 109 -1.51 1.19 15.44
C HIS A 109 -2.48 0.00 15.31
N LYS A 110 -3.68 0.26 14.82
CA LYS A 110 -4.74 -0.75 14.78
C LYS A 110 -5.09 -1.12 13.32
N THR A 111 -5.17 -2.43 13.04
CA THR A 111 -5.46 -2.91 11.70
C THR A 111 -6.81 -2.39 11.25
N PRO A 112 -6.88 -1.86 10.03
CA PRO A 112 -8.15 -1.39 9.52
C PRO A 112 -9.15 -2.52 9.36
N SER A 113 -10.42 -2.25 9.62
CA SER A 113 -11.44 -3.28 9.50
C SER A 113 -11.80 -3.47 8.02
N ARG A 114 -12.47 -4.56 7.70
CA ARG A 114 -12.83 -4.81 6.31
C ARG A 114 -13.76 -3.71 5.78
N THR A 115 -14.60 -3.19 6.66
CA THR A 115 -15.55 -2.18 6.29
C THR A 115 -14.79 -0.94 5.87
N GLU A 116 -13.83 -0.55 6.70
CA GLU A 116 -12.95 0.58 6.35
C GLU A 116 -12.18 0.32 5.04
N VAL A 117 -11.67 -0.89 4.86
CA VAL A 117 -10.96 -1.24 3.63
C VAL A 117 -11.84 -1.12 2.37
N VAL A 118 -13.09 -1.55 2.47
CA VAL A 118 -13.99 -1.45 1.34
C VAL A 118 -14.36 0.01 1.10
N ALA A 119 -14.59 0.73 2.17
CA ALA A 119 -14.88 2.15 2.07
C ALA A 119 -13.76 2.91 1.38
N CYS A 120 -12.51 2.70 1.76
CA CYS A 120 -11.43 3.47 1.18
C CYS A 120 -11.00 3.03 -0.17
N ARG A 121 -11.45 1.88 -0.66
CA ARG A 121 -10.95 1.32 -1.93
C ARG A 121 -11.08 2.22 -3.20
N PRO A 122 -12.19 3.00 -3.31
CA PRO A 122 -12.29 3.89 -4.44
C PRO A 122 -11.08 4.76 -4.67
N TRP A 123 -10.39 5.20 -3.63
CA TRP A 123 -9.18 6.03 -3.80
C TRP A 123 -8.09 5.24 -4.49
N LEU A 124 -8.04 3.97 -4.17
CA LEU A 124 -6.99 3.08 -4.64
C LEU A 124 -7.21 2.73 -6.11
N ILE A 125 -8.47 2.50 -6.44
CA ILE A 125 -8.88 2.32 -7.82
C ILE A 125 -8.57 3.56 -8.63
N ALA A 126 -8.83 4.74 -8.07
CA ALA A 126 -8.54 5.96 -8.77
C ALA A 126 -7.02 6.12 -9.02
N GLU A 127 -6.19 5.81 -8.02
CA GLU A 127 -4.73 5.89 -8.19
C GLU A 127 -4.25 4.93 -9.28
N MET A 128 -4.87 3.75 -9.35
CA MET A 128 -4.48 2.74 -10.34
C MET A 128 -4.90 3.13 -11.76
N THR A 129 -6.14 3.59 -11.94
CA THR A 129 -6.56 4.04 -13.26
C THR A 129 -5.63 5.19 -13.74
N SER A 130 -5.18 6.07 -12.84
CA SER A 130 -4.23 7.14 -13.16
C SER A 130 -2.81 6.66 -13.50
N VAL A 131 -2.20 5.85 -12.63
CA VAL A 131 -0.78 5.47 -12.79
C VAL A 131 -0.57 4.37 -13.84
N GLU A 132 -1.60 3.54 -14.04
CA GLU A 132 -1.55 2.45 -15.03
C GLU A 132 -0.30 1.58 -14.83
N PRO A 133 -0.10 1.07 -13.60
CA PRO A 133 1.10 0.28 -13.40
C PRO A 133 1.06 -0.99 -14.23
N ASP A 134 2.24 -1.46 -14.63
CA ASP A 134 2.39 -2.79 -15.16
C ASP A 134 2.41 -3.87 -14.08
N VAL A 135 2.79 -3.48 -12.86
CA VAL A 135 2.90 -4.41 -11.73
C VAL A 135 2.43 -3.72 -10.46
N VAL A 136 1.57 -4.40 -9.71
CA VAL A 136 1.22 -3.96 -8.36
C VAL A 136 1.85 -4.86 -7.33
N VAL A 137 2.56 -4.28 -6.37
CA VAL A 137 3.07 -5.03 -5.25
C VAL A 137 2.23 -4.79 -4.01
N LEU A 138 1.70 -5.86 -3.45
CA LEU A 138 0.84 -5.79 -2.26
C LEU A 138 1.67 -6.15 -1.02
N LEU A 139 1.96 -5.16 -0.16
CA LEU A 139 2.71 -5.40 1.06
C LEU A 139 1.75 -5.76 2.20
N GLY A 140 1.58 -7.05 2.44
CA GLY A 140 0.82 -7.51 3.57
C GLY A 140 -0.61 -7.90 3.30
N ALA A 141 -1.28 -8.38 4.34
CA ALA A 141 -2.53 -9.10 4.19
C ALA A 141 -3.66 -8.17 3.83
N THR A 142 -3.69 -6.99 4.45
CA THR A 142 -4.85 -6.11 4.25
C THR A 142 -4.79 -5.50 2.86
N ALA A 143 -3.60 -5.09 2.41
CA ALA A 143 -3.42 -4.66 1.02
C ALA A 143 -3.81 -5.72 0.03
N ALA A 144 -3.38 -6.95 0.29
CA ALA A 144 -3.72 -8.09 -0.57
C ALA A 144 -5.23 -8.41 -0.57
N LYS A 145 -5.87 -8.48 0.61
CA LYS A 145 -7.31 -8.79 0.65
C LYS A 145 -8.13 -7.76 -0.09
N ALA A 146 -7.64 -6.52 -0.07
CA ALA A 146 -8.27 -5.39 -0.73
C ALA A 146 -8.51 -5.57 -2.23
N LEU A 147 -7.62 -6.26 -2.92
CA LEU A 147 -7.76 -6.57 -4.34
C LEU A 147 -8.12 -8.02 -4.70
N LEU A 148 -7.80 -8.96 -3.81
CA LEU A 148 -7.90 -10.37 -4.11
C LEU A 148 -8.95 -11.11 -3.26
N GLY A 149 -9.80 -10.39 -2.51
CA GLY A 149 -10.83 -11.04 -1.69
C GLY A 149 -10.45 -11.33 -0.23
N ASN A 150 -11.47 -11.48 0.61
CA ASN A 150 -11.32 -11.69 2.05
C ASN A 150 -10.62 -13.00 2.44
N ASP A 151 -10.60 -13.99 1.56
CA ASP A 151 -9.94 -15.26 1.84
C ASP A 151 -8.57 -15.42 1.17
N PHE A 152 -7.92 -14.31 0.81
CA PHE A 152 -6.57 -14.41 0.23
C PHE A 152 -5.55 -14.48 1.35
N ARG A 153 -4.66 -15.47 1.27
CA ARG A 153 -3.67 -15.76 2.31
C ARG A 153 -2.24 -15.55 1.78
N VAL A 154 -1.60 -14.48 2.19
CA VAL A 154 -0.31 -14.06 1.67
C VAL A 154 0.81 -15.09 1.83
N THR A 155 0.81 -15.79 2.95
CA THR A 155 1.84 -16.77 3.27
C THR A 155 1.78 -17.95 2.31
N GLN A 156 0.61 -18.21 1.73
CA GLN A 156 0.41 -19.28 0.74
C GLN A 156 0.78 -18.90 -0.71
N HIS A 157 0.72 -17.62 -1.05
CA HIS A 157 0.83 -17.18 -2.45
C HIS A 157 1.93 -16.13 -2.72
N ARG A 158 2.83 -15.95 -1.77
CA ARG A 158 3.81 -14.89 -1.92
C ARG A 158 4.83 -15.18 -3.04
N GLY A 159 5.22 -14.12 -3.76
CA GLY A 159 6.21 -14.23 -4.84
C GLY A 159 5.68 -14.86 -6.12
N GLU A 160 4.37 -14.94 -6.27
CA GLU A 160 3.76 -15.50 -7.46
C GLU A 160 3.14 -14.37 -8.26
N VAL A 161 3.38 -14.37 -9.56
CA VAL A 161 2.73 -13.42 -10.46
C VAL A 161 1.26 -13.79 -10.61
N LEU A 162 0.40 -12.93 -10.10
CA LEU A 162 -1.05 -13.15 -10.12
C LEU A 162 -1.70 -12.20 -11.11
N HIS A 163 -2.75 -12.63 -11.79
CA HIS A 163 -3.58 -11.75 -12.63
C HIS A 163 -5.04 -11.99 -12.27
N VAL A 164 -5.77 -10.95 -11.99
CA VAL A 164 -7.17 -11.12 -11.60
C VAL A 164 -8.09 -10.30 -12.52
N ASP A 165 -9.29 -10.82 -12.73
CA ASP A 165 -10.26 -10.18 -13.63
C ASP A 165 -10.50 -8.70 -13.27
N ASP A 166 -10.98 -8.48 -12.05
CA ASP A 166 -11.60 -7.20 -11.66
C ASP A 166 -10.68 -5.95 -11.67
N VAL A 167 -9.37 -6.16 -11.58
CA VAL A 167 -8.41 -5.05 -11.44
C VAL A 167 -8.26 -4.23 -12.72
N PRO A 168 -8.43 -2.90 -12.62
CA PRO A 168 -8.18 -1.93 -13.70
C PRO A 168 -6.76 -1.99 -14.27
N GLY A 169 -6.65 -2.27 -15.58
CA GLY A 169 -5.37 -2.29 -16.33
C GLY A 169 -4.76 -3.67 -16.55
N ASP A 170 -5.38 -4.70 -15.96
CA ASP A 170 -4.78 -6.05 -15.83
C ASP A 170 -3.26 -5.99 -15.59
N PRO A 171 -2.86 -5.42 -14.45
CA PRO A 171 -1.44 -5.43 -14.08
C PRO A 171 -1.13 -6.79 -13.48
N ALA A 172 0.11 -7.22 -13.59
CA ALA A 172 0.54 -8.35 -12.77
C ALA A 172 0.41 -7.93 -11.31
N LEU A 173 0.11 -8.88 -10.43
CA LEU A 173 0.04 -8.60 -9.02
C LEU A 173 0.94 -9.54 -8.27
N VAL A 174 1.79 -9.04 -7.39
CA VAL A 174 2.66 -9.85 -6.56
C VAL A 174 2.45 -9.48 -5.09
N ALA A 175 2.22 -10.48 -4.25
CA ALA A 175 1.96 -10.22 -2.84
C ALA A 175 3.16 -10.57 -2.03
N THR A 176 3.38 -9.86 -0.94
CA THR A 176 4.38 -10.23 0.01
C THR A 176 4.04 -9.74 1.39
N VAL A 177 4.90 -10.08 2.31
CA VAL A 177 4.75 -9.68 3.68
C VAL A 177 5.03 -8.19 3.81
N HIS A 178 4.31 -7.60 4.74
CA HIS A 178 4.50 -6.22 5.11
C HIS A 178 5.86 -6.11 5.81
N PRO A 179 6.67 -5.09 5.46
CA PRO A 179 8.00 -4.87 6.08
C PRO A 179 7.96 -4.86 7.60
N SER A 180 6.86 -4.40 8.18
CA SER A 180 6.74 -4.36 9.63
C SER A 180 6.61 -5.74 10.27
N SER A 181 6.09 -6.75 9.56
CA SER A 181 6.20 -8.14 10.00
C SER A 181 7.65 -8.55 10.30
N LEU A 182 8.59 -8.08 9.48
CA LEU A 182 9.99 -8.43 9.69
C LEU A 182 10.46 -7.78 10.97
N LEU A 183 10.15 -6.50 11.13
CA LEU A 183 10.55 -5.79 12.33
C LEU A 183 10.01 -6.46 13.59
N ARG A 184 8.77 -6.92 13.54
CA ARG A 184 8.14 -7.58 14.68
C ARG A 184 8.63 -9.00 14.88
N GLY A 185 9.22 -9.61 13.86
CA GLY A 185 9.72 -10.99 13.95
C GLY A 185 10.99 -11.10 14.78
N PRO A 186 11.36 -12.32 15.21
CA PRO A 186 12.57 -12.53 16.00
C PRO A 186 13.84 -12.24 15.21
N LYS A 187 14.84 -11.70 15.87
CA LYS A 187 16.11 -11.33 15.24
C LYS A 187 16.75 -12.50 14.52
N GLU A 188 16.62 -13.72 15.05
CA GLU A 188 17.26 -14.91 14.45
C GLU A 188 16.75 -15.29 13.05
N GLU A 189 15.49 -14.92 12.74
CA GLU A 189 14.94 -15.20 11.41
C GLU A 189 15.03 -13.98 10.47
N ARG A 190 15.61 -12.88 10.94
CA ARG A 190 15.47 -11.67 10.15
C ARG A 190 16.21 -11.75 8.84
N GLU A 191 17.33 -12.46 8.77
CA GLU A 191 18.08 -12.57 7.50
C GLU A 191 17.30 -13.43 6.51
N SER A 192 16.69 -14.51 6.95
CA SER A 192 15.86 -15.29 6.01
C SER A 192 14.55 -14.54 5.60
N ALA A 193 13.93 -13.80 6.53
CA ALA A 193 12.69 -13.09 6.20
C ALA A 193 12.99 -11.97 5.20
N PHE A 194 14.08 -11.26 5.42
CA PHE A 194 14.48 -10.18 4.55
C PHE A 194 14.85 -10.71 3.15
N ALA A 195 15.51 -11.86 3.07
CA ALA A 195 15.80 -12.45 1.80
C ALA A 195 14.49 -12.77 1.10
N GLY A 196 13.49 -13.22 1.87
CA GLY A 196 12.14 -13.43 1.32
C GLY A 196 11.49 -12.23 0.68
N LEU A 197 11.50 -11.09 1.37
CA LEU A 197 10.93 -9.87 0.82
C LEU A 197 11.71 -9.42 -0.43
N VAL A 198 13.04 -9.44 -0.36
CA VAL A 198 13.87 -9.01 -1.48
C VAL A 198 13.58 -9.85 -2.71
N ASP A 199 13.44 -11.15 -2.52
CA ASP A 199 13.05 -12.03 -3.63
C ASP A 199 11.69 -11.71 -4.21
N ASP A 200 10.66 -11.48 -3.39
CA ASP A 200 9.34 -11.18 -3.94
C ASP A 200 9.40 -9.88 -4.75
N LEU A 201 10.16 -8.90 -4.27
CA LEU A 201 10.31 -7.65 -4.99
C LEU A 201 10.97 -7.85 -6.36
N ARG A 202 11.94 -8.76 -6.43
CA ARG A 202 12.64 -9.04 -7.69
C ARG A 202 11.73 -9.76 -8.66
N VAL A 203 10.75 -10.51 -8.15
CA VAL A 203 9.76 -11.10 -9.05
C VAL A 203 8.96 -9.99 -9.75
N ALA A 204 8.54 -9.01 -8.96
CA ALA A 204 7.78 -7.87 -9.47
C ALA A 204 8.56 -7.07 -10.49
N ALA A 205 9.81 -6.75 -10.16
CA ALA A 205 10.70 -6.02 -11.08
C ALA A 205 11.01 -6.78 -12.37
N ASP A 206 11.04 -8.10 -12.32
CA ASP A 206 11.37 -8.90 -13.49
C ASP A 206 10.14 -9.27 -14.34
N VAL A 207 8.96 -8.85 -13.92
CA VAL A 207 7.77 -8.90 -14.75
C VAL A 207 7.95 -7.85 -15.85
N ARG A 208 7.93 -8.33 -17.09
CA ARG A 208 8.34 -7.56 -18.27
C ARG A 208 7.47 -6.34 -18.49
#